data_5VOP
#
_entry.id   5VOP
#
_cell.length_a   111.482
_cell.length_b   111.482
_cell.length_c   242.679
_cell.angle_alpha   90.00
_cell.angle_beta   90.00
_cell.angle_gamma   120.00
#
_symmetry.space_group_name_H-M   'P 61 2 2'
#
loop_
_entity.id
_entity.type
_entity.pdbx_description
1 polymer '5-methyltetrahydrofolate homocysteine S-methyltransferase'
2 non-polymer '5-METHYL-5,6,7,8-TETRAHYDROFOLIC ACID'
3 non-polymer GLYCEROL
4 non-polymer 'CITRATE ANION'
5 non-polymer 'SODIUM ION'
6 water water
#
_entity_poly.entity_id   1
_entity_poly.type   'polypeptide(L)'
_entity_poly.pdbx_seq_one_letter_code
;VASLYQAVSLKQEASLFLVGERLNATGSKRFREMLFARDLEGILALAREQVEEGAHALDLSVAWTGRDELEDLRWLLPHL
ATALTVPVMVDSTSPEAMELALKYLPGRVLLNSANLEDGLERFDRVASLAKAHGAALVVLAIDEKGMAKTREEKVRVALR
MYERLTEHHGLRPEDLLFDLLTFPITQGDEESRPLAKETLLAMEELRERLPGVGFVLGVSNVSFGLKPRARRVLNSVFLD
EARKRGLTAAIVDAGKILPISQIPEEAYALALDLIYDRRKEGFDPLLAFMAYFEAH
;
_entity_poly.pdbx_strand_id   A,B
#
# COMPACT_ATOMS: atom_id res chain seq x y z
N SER A 15 -28.04 -10.75 6.27
CA SER A 15 -27.64 -10.38 7.67
C SER A 15 -26.34 -11.08 8.11
N LEU A 16 -25.79 -10.69 9.26
CA LEU A 16 -24.42 -11.07 9.62
C LEU A 16 -24.18 -12.58 9.83
N PHE A 17 -23.09 -13.08 9.25
CA PHE A 17 -22.59 -14.43 9.52
C PHE A 17 -21.74 -14.36 10.81
N LEU A 18 -22.31 -14.84 11.92
CA LEU A 18 -21.69 -14.72 13.22
C LEU A 18 -20.81 -15.92 13.48
N VAL A 19 -19.55 -15.65 13.84
CA VAL A 19 -18.54 -16.66 14.09
C VAL A 19 -18.22 -16.58 15.57
N GLY A 20 -18.61 -17.62 16.32
CA GLY A 20 -18.41 -17.64 17.77
C GLY A 20 -16.93 -17.63 18.10
N GLU A 21 -16.54 -16.82 19.07
CA GLU A 21 -15.11 -16.56 19.35
C GLU A 21 -14.51 -17.46 20.42
N ARG A 22 -15.33 -18.26 21.12
CA ARG A 22 -14.92 -18.73 22.44
C ARG A 22 -14.04 -19.98 22.49
N LEU A 23 -13.95 -20.76 21.41
CA LEU A 23 -13.00 -21.90 21.38
C LEU A 23 -11.60 -21.38 21.04
N ASN A 24 -11.04 -20.67 22.00
CA ASN A 24 -9.85 -19.89 21.80
C ASN A 24 -9.03 -19.94 23.09
N ALA A 25 -7.90 -20.62 23.04
CA ALA A 25 -7.11 -20.95 24.25
C ALA A 25 -6.56 -19.71 24.95
N THR A 26 -6.05 -18.76 24.18
CA THR A 26 -5.63 -17.48 24.77
C THR A 26 -6.82 -16.57 25.09
N GLY A 27 -7.87 -16.63 24.28
CA GLY A 27 -9.07 -15.80 24.48
C GLY A 27 -10.10 -16.26 25.50
N SER A 28 -9.94 -17.47 26.08
CA SER A 28 -10.97 -18.04 27.00
C SER A 28 -10.37 -19.00 28.00
N LYS A 29 -10.37 -18.64 29.27
CA LYS A 29 -9.85 -19.53 30.33
C LYS A 29 -10.63 -20.87 30.36
N ARG A 30 -11.94 -20.77 30.17
CA ARG A 30 -12.84 -21.91 30.23
C ARG A 30 -12.44 -22.96 29.18
N PHE A 31 -12.28 -22.52 27.94
CA PHE A 31 -11.88 -23.43 26.87
C PHE A 31 -10.49 -24.02 27.10
N ARG A 32 -9.54 -23.18 27.49
CA ARG A 32 -8.16 -23.63 27.68
C ARG A 32 -8.03 -24.74 28.71
N GLU A 33 -8.66 -24.55 29.87
CA GLU A 33 -8.68 -25.57 30.94
C GLU A 33 -9.31 -26.89 30.47
N MET A 34 -10.38 -26.80 29.69
CA MET A 34 -11.00 -28.00 29.13
C MET A 34 -10.11 -28.66 28.07
N LEU A 35 -9.45 -27.85 27.25
CA LEU A 35 -8.53 -28.37 26.23
C LEU A 35 -7.37 -29.11 26.89
N PHE A 36 -6.79 -28.51 27.91
CA PHE A 36 -5.63 -29.07 28.62
C PHE A 36 -5.96 -30.37 29.35
N ALA A 37 -7.18 -30.47 29.87
CA ALA A 37 -7.65 -31.67 30.55
C ALA A 37 -8.30 -32.67 29.61
N ARG A 38 -8.36 -32.37 28.31
CA ARG A 38 -9.02 -33.25 27.32
C ARG A 38 -10.51 -33.52 27.63
N ASP A 39 -11.17 -32.49 28.12
CA ASP A 39 -12.57 -32.55 28.51
C ASP A 39 -13.34 -32.25 27.24
N LEU A 40 -13.51 -33.29 26.42
CA LEU A 40 -14.21 -33.17 25.17
C LEU A 40 -15.65 -32.68 25.32
N GLU A 41 -16.38 -33.26 26.27
CA GLU A 41 -17.80 -32.92 26.44
C GLU A 41 -17.96 -31.48 26.85
N GLY A 42 -17.05 -30.98 27.67
CA GLY A 42 -17.01 -29.58 28.02
C GLY A 42 -16.88 -28.69 26.79
N ILE A 43 -15.93 -29.04 25.92
CA ILE A 43 -15.68 -28.30 24.69
C ILE A 43 -16.88 -28.35 23.77
N LEU A 44 -17.44 -29.55 23.61
CA LEU A 44 -18.65 -29.69 22.79
C LEU A 44 -19.83 -28.88 23.32
N ALA A 45 -19.97 -28.76 24.64
CA ALA A 45 -21.08 -28.00 25.21
C ALA A 45 -20.89 -26.51 24.93
N LEU A 46 -19.65 -26.04 25.08
CA LEU A 46 -19.31 -24.65 24.76
C LEU A 46 -19.56 -24.31 23.28
N ALA A 47 -19.26 -25.27 22.39
CA ALA A 47 -19.59 -25.12 20.97
C ALA A 47 -21.09 -24.97 20.75
N ARG A 48 -21.84 -25.91 21.32
CA ARG A 48 -23.31 -25.86 21.22
C ARG A 48 -23.91 -24.60 21.83
N GLU A 49 -23.41 -24.15 22.99
CA GLU A 49 -23.88 -22.90 23.59
C GLU A 49 -23.83 -21.76 22.60
N GLN A 50 -22.66 -21.58 22.00
CA GLN A 50 -22.44 -20.50 21.03
C GLN A 50 -23.35 -20.62 19.82
N VAL A 51 -23.54 -21.83 19.31
CA VAL A 51 -24.44 -22.10 18.17
C VAL A 51 -25.89 -21.72 18.56
N GLU A 52 -26.33 -22.18 19.72
CA GLU A 52 -27.63 -21.83 20.26
C GLU A 52 -27.78 -20.31 20.48
N GLU A 53 -26.69 -19.65 20.85
CA GLU A 53 -26.70 -18.21 21.06
C GLU A 53 -26.57 -17.39 19.75
N GLY A 54 -26.48 -18.05 18.59
CA GLY A 54 -26.55 -17.37 17.29
C GLY A 54 -25.41 -17.64 16.32
N ALA A 55 -24.35 -18.32 16.77
CA ALA A 55 -23.17 -18.50 15.93
C ALA A 55 -23.51 -19.43 14.78
N HIS A 56 -23.12 -19.04 13.58
CA HIS A 56 -23.27 -19.87 12.38
C HIS A 56 -21.96 -20.56 12.01
N ALA A 57 -20.90 -20.26 12.75
CA ALA A 57 -19.62 -20.95 12.62
C ALA A 57 -18.86 -20.74 13.90
N LEU A 58 -17.76 -21.45 14.07
CA LEU A 58 -16.99 -21.42 15.31
C LEU A 58 -15.52 -21.22 15.00
N ASP A 59 -14.96 -20.14 15.53
CA ASP A 59 -13.54 -19.88 15.42
C ASP A 59 -12.84 -20.85 16.37
N LEU A 60 -11.77 -21.49 15.90
CA LEU A 60 -11.01 -22.45 16.70
C LEU A 60 -9.54 -22.06 16.74
N SER A 61 -9.06 -21.59 17.88
CA SER A 61 -7.67 -21.19 18.06
C SER A 61 -7.14 -21.92 19.26
N VAL A 62 -6.28 -22.92 19.03
CA VAL A 62 -5.69 -23.69 20.12
C VAL A 62 -4.26 -23.31 20.44
N ALA A 63 -3.64 -22.45 19.63
CA ALA A 63 -2.25 -22.07 19.84
C ALA A 63 -2.05 -21.53 21.25
N TRP A 64 -1.00 -22.02 21.90
CA TRP A 64 -0.68 -21.62 23.26
C TRP A 64 0.81 -21.88 23.46
N THR A 65 1.53 -20.82 23.82
CA THR A 65 3.01 -20.83 23.79
C THR A 65 3.58 -21.94 24.70
N GLY A 66 4.52 -22.71 24.15
CA GLY A 66 5.05 -23.93 24.80
C GLY A 66 4.10 -25.12 24.82
N ARG A 67 3.16 -25.17 23.86
CA ARG A 67 2.25 -26.30 23.71
C ARG A 67 2.15 -26.67 22.23
N ASP A 68 1.87 -27.94 21.94
CA ASP A 68 1.91 -28.44 20.59
C ASP A 68 0.53 -28.30 19.94
N GLU A 69 0.41 -27.29 19.08
CA GLU A 69 -0.83 -26.98 18.40
C GLU A 69 -1.33 -28.15 17.58
N LEU A 70 -0.40 -28.78 16.86
CA LEU A 70 -0.74 -29.89 15.98
C LEU A 70 -1.30 -31.09 16.76
N GLU A 71 -0.73 -31.36 17.93
CA GLU A 71 -1.22 -32.46 18.79
C GLU A 71 -2.64 -32.18 19.31
N ASP A 72 -2.87 -30.97 19.81
CA ASP A 72 -4.20 -30.58 20.23
C ASP A 72 -5.24 -30.69 19.12
N LEU A 73 -4.89 -30.23 17.92
CA LEU A 73 -5.79 -30.30 16.79
C LEU A 73 -6.03 -31.73 16.31
N ARG A 74 -4.99 -32.57 16.28
CA ARG A 74 -5.16 -34.01 15.94
C ARG A 74 -6.14 -34.69 16.89
N TRP A 75 -6.10 -34.32 18.17
CA TRP A 75 -7.07 -34.78 19.15
C TRP A 75 -8.48 -34.23 18.95
N LEU A 76 -8.61 -32.91 18.88
CA LEU A 76 -9.94 -32.26 18.89
C LEU A 76 -10.70 -32.32 17.56
N LEU A 77 -10.02 -32.11 16.43
CA LEU A 77 -10.68 -32.01 15.12
C LEU A 77 -11.57 -33.20 14.69
N PRO A 78 -11.11 -34.46 14.87
CA PRO A 78 -12.00 -35.59 14.49
C PRO A 78 -13.33 -35.58 15.26
N HIS A 79 -13.27 -35.19 16.53
CA HIS A 79 -14.47 -35.09 17.36
C HIS A 79 -15.39 -33.94 16.97
N LEU A 80 -14.82 -32.78 16.66
CA LEU A 80 -15.59 -31.68 16.10
C LEU A 80 -16.25 -32.01 14.77
N ALA A 81 -15.58 -32.78 13.93
CA ALA A 81 -16.12 -33.15 12.61
C ALA A 81 -17.40 -33.96 12.73
N THR A 82 -17.45 -34.88 13.71
CA THR A 82 -18.63 -35.71 13.94
C THR A 82 -19.70 -35.00 14.79
N ALA A 83 -19.30 -34.19 15.75
CA ALA A 83 -20.25 -33.54 16.68
C ALA A 83 -20.86 -32.22 16.21
N LEU A 84 -20.17 -31.42 15.41
CA LEU A 84 -20.62 -30.05 15.14
C LEU A 84 -21.61 -29.99 13.99
N THR A 85 -22.55 -29.05 14.13
CA THR A 85 -23.55 -28.76 13.12
C THR A 85 -23.12 -27.58 12.23
N VAL A 86 -22.03 -26.88 12.59
CA VAL A 86 -21.64 -25.64 11.90
C VAL A 86 -20.19 -25.73 11.41
N PRO A 87 -19.83 -24.93 10.41
CA PRO A 87 -18.44 -24.94 9.98
C PRO A 87 -17.48 -24.38 11.03
N VAL A 88 -16.21 -24.73 10.86
CA VAL A 88 -15.16 -24.31 11.76
C VAL A 88 -14.31 -23.32 11.02
N MET A 89 -14.04 -22.18 11.66
CA MET A 89 -13.05 -21.25 11.18
C MET A 89 -11.75 -21.58 11.91
N VAL A 90 -10.79 -22.12 11.18
CA VAL A 90 -9.51 -22.53 11.73
C VAL A 90 -8.66 -21.30 11.90
N ASP A 91 -8.29 -21.01 13.14
CA ASP A 91 -7.62 -19.78 13.53
C ASP A 91 -6.19 -20.18 13.93
N SER A 92 -5.25 -19.94 13.03
CA SER A 92 -3.89 -20.42 13.16
C SER A 92 -2.97 -19.72 12.15
N THR A 93 -1.70 -19.63 12.50
CA THR A 93 -0.65 -19.10 11.61
C THR A 93 0.27 -20.23 11.11
N SER A 94 -0.05 -21.48 11.44
CA SER A 94 0.77 -22.63 11.02
C SER A 94 0.07 -23.28 9.83
N PRO A 95 0.74 -23.35 8.69
CA PRO A 95 0.10 -24.03 7.56
C PRO A 95 -0.19 -25.52 7.78
N GLU A 96 0.64 -26.18 8.58
CA GLU A 96 0.43 -27.61 8.93
C GLU A 96 -0.85 -27.78 9.75
N ALA A 97 -1.11 -26.84 10.64
CA ALA A 97 -2.35 -26.83 11.44
C ALA A 97 -3.56 -26.64 10.54
N MET A 98 -3.44 -25.74 9.57
CA MET A 98 -4.50 -25.54 8.59
C MET A 98 -4.72 -26.79 7.77
N GLU A 99 -3.65 -27.48 7.39
CA GLU A 99 -3.79 -28.77 6.67
C GLU A 99 -4.48 -29.85 7.50
N LEU A 100 -4.15 -29.94 8.79
CA LEU A 100 -4.89 -30.84 9.70
C LEU A 100 -6.37 -30.54 9.65
N ALA A 101 -6.72 -29.27 9.80
CA ALA A 101 -8.11 -28.89 9.80
C ALA A 101 -8.81 -29.25 8.50
N LEU A 102 -8.14 -29.04 7.37
CA LEU A 102 -8.73 -29.31 6.06
C LEU A 102 -8.94 -30.79 5.82
N LYS A 103 -8.02 -31.61 6.33
CA LYS A 103 -8.12 -33.06 6.25
C LYS A 103 -9.31 -33.62 7.05
N TYR A 104 -9.52 -33.12 8.27
CA TYR A 104 -10.51 -33.70 9.17
C TYR A 104 -11.90 -33.14 9.04
N LEU A 105 -12.03 -31.89 8.62
CA LEU A 105 -13.34 -31.26 8.69
C LEU A 105 -14.12 -31.45 7.40
N PRO A 106 -15.46 -31.61 7.53
CA PRO A 106 -16.28 -31.86 6.37
C PRO A 106 -16.64 -30.54 5.68
N GLY A 107 -16.59 -30.56 4.35
CA GLY A 107 -17.14 -29.48 3.54
C GLY A 107 -16.49 -28.17 3.89
N ARG A 108 -17.29 -27.16 4.20
CA ARG A 108 -16.78 -25.82 4.47
C ARG A 108 -15.90 -25.78 5.73
N VAL A 109 -14.68 -25.29 5.53
CA VAL A 109 -13.81 -24.80 6.58
C VAL A 109 -13.53 -23.38 6.13
N LEU A 110 -13.30 -22.49 7.08
CA LEU A 110 -12.82 -21.14 6.77
C LEU A 110 -11.41 -21.05 7.37
N LEU A 111 -10.44 -20.59 6.57
CA LEU A 111 -9.06 -20.43 7.01
C LEU A 111 -8.80 -18.99 7.47
N ASN A 112 -8.47 -18.86 8.75
CA ASN A 112 -8.17 -17.60 9.39
C ASN A 112 -6.73 -17.63 9.90
N SER A 113 -5.74 -17.17 9.14
CA SER A 113 -5.88 -16.36 7.95
C SER A 113 -4.59 -16.33 7.14
N ALA A 114 -4.64 -15.65 6.01
CA ALA A 114 -3.46 -15.34 5.23
C ALA A 114 -3.13 -13.86 5.37
N ASN A 115 -1.85 -13.53 5.28
CA ASN A 115 -1.43 -12.14 5.19
C ASN A 115 -0.13 -12.06 4.42
N LEU A 116 0.37 -10.84 4.22
CA LEU A 116 1.58 -10.60 3.42
C LEU A 116 2.80 -10.24 4.23
N GLU A 117 2.75 -10.32 5.54
CA GLU A 117 3.93 -9.95 6.36
C GLU A 117 5.19 -10.77 6.05
N ASP A 118 4.99 -12.05 5.80
CA ASP A 118 6.11 -12.94 5.49
C ASP A 118 6.43 -12.98 4.02
N GLY A 119 5.73 -12.19 3.21
CA GLY A 119 5.97 -12.11 1.77
C GLY A 119 4.96 -12.91 0.98
N LEU A 120 5.08 -12.79 -0.34
CA LEU A 120 4.15 -13.38 -1.28
C LEU A 120 4.07 -14.89 -1.18
N GLU A 121 5.20 -15.54 -0.99
CA GLU A 121 5.21 -16.99 -1.01
C GLU A 121 4.40 -17.63 0.14
N ARG A 122 4.55 -17.13 1.37
CA ARG A 122 3.68 -17.60 2.47
C ARG A 122 2.19 -17.30 2.21
N PHE A 123 1.89 -16.11 1.68
CA PHE A 123 0.51 -15.73 1.34
C PHE A 123 -0.11 -16.70 0.35
N ASP A 124 0.64 -16.99 -0.71
CA ASP A 124 0.27 -17.98 -1.74
C ASP A 124 0.09 -19.37 -1.18
N ARG A 125 0.95 -19.78 -0.25
CA ARG A 125 0.85 -21.10 0.34
C ARG A 125 -0.50 -21.29 1.02
N VAL A 126 -0.93 -20.31 1.84
CA VAL A 126 -2.23 -20.36 2.52
C VAL A 126 -3.39 -20.20 1.53
N ALA A 127 -3.27 -19.27 0.59
CA ALA A 127 -4.31 -19.06 -0.42
C ALA A 127 -4.50 -20.34 -1.25
N SER A 128 -3.40 -21.01 -1.61
CA SER A 128 -3.45 -22.29 -2.36
C SER A 128 -4.25 -23.34 -1.62
N LEU A 129 -4.02 -23.44 -0.30
CA LEU A 129 -4.81 -24.34 0.52
C LEU A 129 -6.30 -24.08 0.39
N ALA A 130 -6.70 -22.81 0.48
CA ALA A 130 -8.11 -22.46 0.39
C ALA A 130 -8.69 -22.87 -0.96
N LYS A 131 -7.98 -22.49 -2.03
CA LYS A 131 -8.43 -22.78 -3.38
C LYS A 131 -8.62 -24.28 -3.60
N ALA A 132 -7.58 -25.04 -3.25
CA ALA A 132 -7.52 -26.48 -3.48
C ALA A 132 -8.54 -27.29 -2.68
N HIS A 133 -8.94 -26.80 -1.51
CA HIS A 133 -9.88 -27.51 -0.64
C HIS A 133 -11.26 -26.84 -0.57
N GLY A 134 -11.52 -25.86 -1.43
CA GLY A 134 -12.81 -25.12 -1.43
C GLY A 134 -13.17 -24.44 -0.11
N ALA A 135 -12.17 -23.91 0.59
CA ALA A 135 -12.41 -23.21 1.85
C ALA A 135 -12.46 -21.71 1.62
N ALA A 136 -13.25 -21.03 2.43
CA ALA A 136 -13.23 -19.58 2.47
C ALA A 136 -11.93 -19.16 3.14
N LEU A 137 -11.46 -17.97 2.77
CA LEU A 137 -10.18 -17.45 3.21
C LEU A 137 -10.37 -16.07 3.80
N VAL A 138 -9.95 -15.92 5.06
CA VAL A 138 -9.82 -14.62 5.70
C VAL A 138 -8.45 -14.10 5.32
N VAL A 139 -8.40 -12.83 4.89
CA VAL A 139 -7.10 -12.18 4.68
C VAL A 139 -7.00 -10.92 5.53
N LEU A 140 -5.88 -10.75 6.23
CA LEU A 140 -5.69 -9.61 7.13
C LEU A 140 -4.96 -8.50 6.40
N ALA A 141 -5.33 -7.26 6.68
CA ALA A 141 -4.62 -6.09 6.14
C ALA A 141 -3.26 -5.89 6.79
N ILE A 142 -2.35 -6.85 6.53
CA ILE A 142 -1.00 -6.83 7.09
C ILE A 142 -0.07 -7.22 5.97
N ASP A 143 0.99 -6.46 5.76
CA ASP A 143 1.98 -6.77 4.75
C ASP A 143 3.36 -6.68 5.35
N GLU A 144 4.39 -6.66 4.50
CA GLU A 144 5.78 -6.71 4.94
C GLU A 144 6.15 -5.53 5.84
N LYS A 145 5.43 -4.42 5.69
CA LYS A 145 5.62 -3.21 6.50
C LYS A 145 4.78 -3.19 7.76
N GLY A 146 3.87 -4.15 7.92
CA GLY A 146 3.18 -4.36 9.18
C GLY A 146 1.71 -4.10 8.99
N MET A 147 1.04 -3.73 10.07
CA MET A 147 -0.42 -3.68 10.08
C MET A 147 -0.93 -2.35 9.53
N ALA A 148 -1.90 -2.42 8.63
CA ALA A 148 -2.57 -1.23 8.07
C ALA A 148 -3.46 -0.56 9.14
N LYS A 149 -3.06 0.61 9.60
CA LYS A 149 -3.82 1.34 10.63
C LYS A 149 -4.72 2.47 10.10
N THR A 150 -4.30 3.13 9.03
CA THR A 150 -5.11 4.17 8.38
C THR A 150 -5.93 3.59 7.25
N ARG A 151 -6.96 4.30 6.85
CA ARG A 151 -7.82 3.86 5.77
C ARG A 151 -7.06 3.69 4.47
N GLU A 152 -6.09 4.54 4.20
CA GLU A 152 -5.27 4.47 2.97
C GLU A 152 -4.45 3.19 2.95
N GLU A 153 -3.83 2.87 4.09
CA GLU A 153 -3.00 1.67 4.17
C GLU A 153 -3.84 0.42 3.99
N LYS A 154 -5.02 0.42 4.59
CA LYS A 154 -5.91 -0.75 4.51
C LYS A 154 -6.33 -1.00 3.09
N VAL A 155 -6.65 0.08 2.35
CA VAL A 155 -7.03 -0.03 0.94
C VAL A 155 -5.88 -0.57 0.13
N ARG A 156 -4.68 -0.04 0.34
CA ARG A 156 -3.52 -0.46 -0.43
C ARG A 156 -3.19 -1.92 -0.28
N VAL A 157 -3.28 -2.44 0.94
CA VAL A 157 -2.95 -3.82 1.19
C VAL A 157 -4.06 -4.70 0.60
N ALA A 158 -5.31 -4.31 0.82
CA ALA A 158 -6.44 -5.11 0.38
C ALA A 158 -6.50 -5.30 -1.13
N LEU A 159 -6.18 -4.24 -1.88
CA LEU A 159 -6.20 -4.30 -3.33
C LEU A 159 -5.09 -5.21 -3.84
N ARG A 160 -3.90 -5.07 -3.25
CA ARG A 160 -2.76 -5.92 -3.59
C ARG A 160 -3.11 -7.40 -3.37
N MET A 161 -3.79 -7.69 -2.27
CA MET A 161 -4.20 -9.06 -1.96
C MET A 161 -5.32 -9.52 -2.87
N TYR A 162 -6.33 -8.68 -3.06
CA TYR A 162 -7.47 -9.02 -3.92
C TYR A 162 -7.01 -9.45 -5.32
N GLU A 163 -6.08 -8.67 -5.88
CA GLU A 163 -5.53 -8.94 -7.20
C GLU A 163 -4.80 -10.26 -7.25
N ARG A 164 -3.98 -10.53 -6.25
CA ARG A 164 -3.27 -11.81 -6.18
C ARG A 164 -4.23 -12.96 -6.03
N LEU A 165 -5.27 -12.81 -5.21
CA LEU A 165 -6.16 -13.92 -4.88
C LEU A 165 -7.09 -14.32 -6.05
N THR A 166 -7.59 -13.32 -6.78
CA THR A 166 -8.46 -13.55 -7.95
C THR A 166 -7.66 -13.92 -9.20
N GLU A 167 -6.76 -13.05 -9.67
CA GLU A 167 -5.82 -13.43 -10.75
C GLU A 167 -4.90 -14.40 -10.04
N HIS A 168 -4.38 -15.39 -10.74
CA HIS A 168 -3.46 -16.34 -10.08
C HIS A 168 -4.06 -17.49 -9.29
N HIS A 169 -4.73 -17.25 -8.17
CA HIS A 169 -5.36 -18.38 -7.41
C HIS A 169 -6.75 -18.73 -7.89
N GLY A 170 -7.39 -17.81 -8.64
CA GLY A 170 -8.76 -18.03 -9.13
C GLY A 170 -9.77 -18.15 -8.01
N LEU A 171 -9.53 -17.52 -6.87
CA LEU A 171 -10.52 -17.50 -5.80
C LEU A 171 -11.60 -16.51 -6.15
N ARG A 172 -12.83 -16.85 -5.80
CA ARG A 172 -13.96 -15.99 -6.11
C ARG A 172 -14.14 -14.94 -5.04
N PRO A 173 -14.58 -13.75 -5.43
CA PRO A 173 -14.82 -12.69 -4.45
C PRO A 173 -15.55 -13.18 -3.21
N GLU A 174 -16.59 -13.98 -3.41
CA GLU A 174 -17.44 -14.45 -2.30
C GLU A 174 -16.79 -15.47 -1.36
N ASP A 175 -15.65 -16.03 -1.77
CA ASP A 175 -14.84 -16.90 -0.90
C ASP A 175 -13.84 -16.13 -0.04
N LEU A 176 -13.82 -14.82 -0.14
CA LEU A 176 -12.85 -14.00 0.57
C LEU A 176 -13.52 -13.22 1.69
N LEU A 177 -12.86 -13.18 2.84
CA LEU A 177 -13.26 -12.32 3.95
C LEU A 177 -12.08 -11.41 4.28
N PHE A 178 -12.20 -10.13 3.92
CA PHE A 178 -11.18 -9.15 4.23
C PHE A 178 -11.31 -8.69 5.68
N ASP A 179 -10.21 -8.82 6.42
CA ASP A 179 -10.15 -8.38 7.78
C ASP A 179 -9.27 -7.13 7.80
N LEU A 180 -9.94 -6.00 7.98
CA LEU A 180 -9.28 -4.70 7.94
C LEU A 180 -8.79 -4.25 9.29
N LEU A 181 -8.89 -5.15 10.28
CA LEU A 181 -8.25 -5.07 11.60
C LEU A 181 -9.05 -4.26 12.58
N THR A 182 -9.23 -4.84 13.77
CA THR A 182 -9.88 -4.18 14.90
C THR A 182 -8.85 -3.95 16.00
N PHE A 183 -8.57 -2.68 16.29
CA PHE A 183 -7.66 -2.30 17.37
C PHE A 183 -8.39 -1.80 18.59
N PRO A 184 -7.80 -1.98 19.78
CA PRO A 184 -8.45 -1.43 20.95
C PRO A 184 -8.33 0.07 20.95
N ILE A 185 -9.46 0.74 21.15
CA ILE A 185 -9.55 2.20 21.25
C ILE A 185 -9.77 2.60 22.73
N THR A 186 -9.17 1.87 23.63
CA THR A 186 -9.41 2.05 25.06
C THR A 186 -8.16 2.51 25.81
N GLN A 187 -7.02 2.57 25.14
CA GLN A 187 -5.81 3.06 25.79
C GLN A 187 -5.80 4.58 25.91
N GLY A 188 -6.39 5.27 24.95
CA GLY A 188 -6.49 6.72 24.99
C GLY A 188 -5.29 7.49 24.47
N ASP A 189 -4.26 6.79 23.97
CA ASP A 189 -3.14 7.48 23.30
C ASP A 189 -3.63 8.02 21.97
N GLU A 190 -2.92 9.01 21.44
CA GLU A 190 -3.29 9.63 20.17
C GLU A 190 -3.39 8.62 19.03
N GLU A 191 -2.41 7.71 18.92
CA GLU A 191 -2.38 6.76 17.80
C GLU A 191 -3.62 5.86 17.73
N SER A 192 -4.14 5.43 18.87
CA SER A 192 -5.20 4.44 18.85
C SER A 192 -6.62 5.04 18.77
N ARG A 193 -6.78 6.32 19.10
CA ARG A 193 -8.10 6.93 19.11
C ARG A 193 -8.92 6.84 17.82
N PRO A 194 -8.28 7.01 16.65
CA PRO A 194 -9.07 6.93 15.42
C PRO A 194 -9.15 5.52 14.78
N LEU A 195 -8.56 4.50 15.40
CA LEU A 195 -8.32 3.24 14.68
C LEU A 195 -9.58 2.48 14.29
N ALA A 196 -10.66 2.57 15.08
CA ALA A 196 -11.92 1.95 14.71
C ALA A 196 -12.61 2.68 13.52
N LYS A 197 -12.55 4.01 13.54
CA LYS A 197 -13.04 4.83 12.44
C LYS A 197 -12.32 4.53 11.14
N GLU A 198 -10.99 4.45 11.19
CA GLU A 198 -10.20 4.14 10.00
C GLU A 198 -10.65 2.85 9.35
N THR A 199 -10.97 1.86 10.17
CA THR A 199 -11.42 0.55 9.68
C THR A 199 -12.82 0.66 9.09
N LEU A 200 -13.70 1.39 9.76
CA LEU A 200 -15.04 1.60 9.26
C LEU A 200 -15.02 2.31 7.90
N LEU A 201 -14.22 3.36 7.76
CA LEU A 201 -14.15 4.13 6.53
C LEU A 201 -13.55 3.31 5.40
N ALA A 202 -12.52 2.54 5.70
CA ALA A 202 -11.91 1.66 4.72
C ALA A 202 -12.86 0.58 4.21
N MET A 203 -13.70 0.06 5.10
CA MET A 203 -14.63 -1.00 4.75
C MET A 203 -15.63 -0.52 3.72
N GLU A 204 -16.20 0.66 3.97
CA GLU A 204 -17.15 1.31 3.06
C GLU A 204 -16.54 1.51 1.69
N GLU A 205 -15.32 2.04 1.66
CA GLU A 205 -14.63 2.24 0.41
C GLU A 205 -14.33 0.94 -0.33
N LEU A 206 -13.85 -0.07 0.38
CA LEU A 206 -13.54 -1.36 -0.25
C LEU A 206 -14.82 -2.10 -0.65
N ARG A 207 -15.92 -1.90 0.05
CA ARG A 207 -17.18 -2.52 -0.38
C ARG A 207 -17.55 -2.02 -1.79
N GLU A 208 -17.30 -0.74 -2.04
CA GLU A 208 -17.49 -0.15 -3.37
C GLU A 208 -16.44 -0.63 -4.39
N ARG A 209 -15.15 -0.58 -4.04
CA ARG A 209 -14.09 -1.04 -4.96
C ARG A 209 -14.17 -2.54 -5.31
N LEU A 210 -14.62 -3.36 -4.36
CA LEU A 210 -14.49 -4.81 -4.46
C LEU A 210 -15.84 -5.46 -4.24
N PRO A 211 -16.74 -5.31 -5.23
CA PRO A 211 -18.08 -5.89 -5.03
C PRO A 211 -18.00 -7.41 -4.94
N GLY A 212 -18.82 -7.99 -4.08
CA GLY A 212 -18.87 -9.43 -3.91
C GLY A 212 -17.97 -9.99 -2.82
N VAL A 213 -16.92 -9.27 -2.36
CA VAL A 213 -16.04 -9.79 -1.30
C VAL A 213 -16.72 -9.69 0.05
N GLY A 214 -16.33 -10.55 0.98
CA GLY A 214 -16.78 -10.43 2.36
C GLY A 214 -15.84 -9.57 3.20
N PHE A 215 -16.33 -9.21 4.38
CA PHE A 215 -15.54 -8.47 5.35
C PHE A 215 -15.79 -9.08 6.70
N VAL A 216 -14.71 -9.35 7.43
CA VAL A 216 -14.83 -9.90 8.78
C VAL A 216 -14.06 -9.05 9.77
N LEU A 217 -14.56 -8.96 10.99
CA LEU A 217 -13.84 -8.29 12.07
C LEU A 217 -13.92 -9.12 13.32
N GLY A 218 -12.81 -9.13 14.06
CA GLY A 218 -12.78 -9.63 15.44
C GLY A 218 -13.24 -8.52 16.35
N VAL A 219 -14.55 -8.40 16.43
CA VAL A 219 -15.21 -7.24 17.04
C VAL A 219 -14.82 -6.96 18.48
N SER A 220 -14.60 -8.02 19.26
CA SER A 220 -14.32 -7.88 20.69
C SER A 220 -13.04 -7.10 20.98
N ASN A 221 -12.06 -7.14 20.08
CA ASN A 221 -10.78 -6.45 20.29
C ASN A 221 -10.95 -4.95 20.50
N VAL A 222 -12.04 -4.36 19.95
CA VAL A 222 -12.20 -2.89 20.02
C VAL A 222 -12.27 -2.37 21.43
N SER A 223 -12.74 -3.19 22.37
CA SER A 223 -13.05 -2.74 23.72
C SER A 223 -12.13 -3.32 24.80
N PHE A 224 -11.09 -4.07 24.40
CA PHE A 224 -10.22 -4.73 25.36
C PHE A 224 -9.74 -3.74 26.42
N GLY A 225 -9.89 -4.09 27.70
CA GLY A 225 -9.45 -3.24 28.82
C GLY A 225 -10.56 -2.53 29.58
N LEU A 226 -11.77 -2.47 29.03
CA LEU A 226 -12.90 -1.83 29.72
C LEU A 226 -13.55 -2.89 30.57
N LYS A 227 -14.39 -2.47 31.51
CA LYS A 227 -15.26 -3.39 32.28
C LYS A 227 -16.23 -4.18 31.39
N PRO A 228 -16.61 -5.42 31.78
CA PRO A 228 -17.41 -6.27 30.90
C PRO A 228 -18.68 -5.65 30.34
N ARG A 229 -19.40 -4.88 31.15
CA ARG A 229 -20.63 -4.24 30.68
C ARG A 229 -20.31 -3.18 29.60
N ALA A 230 -19.22 -2.44 29.81
CA ALA A 230 -18.79 -1.43 28.86
C ALA A 230 -18.38 -2.07 27.54
N ARG A 231 -17.66 -3.18 27.63
CA ARG A 231 -17.23 -3.94 26.48
C ARG A 231 -18.42 -4.42 25.64
N ARG A 232 -19.45 -4.97 26.27
CA ARG A 232 -20.63 -5.46 25.55
C ARG A 232 -21.30 -4.35 24.75
N VAL A 233 -21.47 -3.19 25.38
CA VAL A 233 -22.02 -2.03 24.68
C VAL A 233 -21.11 -1.68 23.51
N LEU A 234 -19.83 -1.42 23.77
CA LEU A 234 -18.94 -0.95 22.70
C LEU A 234 -18.81 -1.95 21.54
N ASN A 235 -18.67 -3.23 21.87
CA ASN A 235 -18.62 -4.29 20.84
C ASN A 235 -19.88 -4.25 19.97
N SER A 236 -21.02 -4.14 20.61
CA SER A 236 -22.32 -4.16 19.95
C SER A 236 -22.53 -2.96 19.03
N VAL A 237 -22.14 -1.78 19.50
CA VAL A 237 -22.23 -0.60 18.66
C VAL A 237 -21.21 -0.68 17.52
N PHE A 238 -19.99 -1.08 17.80
CA PHE A 238 -18.99 -1.22 16.73
C PHE A 238 -19.43 -2.22 15.65
N LEU A 239 -20.02 -3.34 16.09
CA LEU A 239 -20.55 -4.35 15.16
C LEU A 239 -21.62 -3.78 14.25
N ASP A 240 -22.59 -3.08 14.84
CA ASP A 240 -23.65 -2.44 14.09
C ASP A 240 -23.13 -1.40 13.10
N GLU A 241 -22.20 -0.55 13.54
CA GLU A 241 -21.60 0.42 12.64
C GLU A 241 -20.88 -0.23 11.48
N ALA A 242 -20.14 -1.31 11.76
CA ALA A 242 -19.46 -2.06 10.70
C ALA A 242 -20.45 -2.71 9.73
N ARG A 243 -21.56 -3.23 10.25
CA ARG A 243 -22.62 -3.80 9.39
C ARG A 243 -23.11 -2.73 8.40
N LYS A 244 -23.33 -1.51 8.85
CA LYS A 244 -23.78 -0.46 7.94
C LYS A 244 -22.74 -0.12 6.87
N ARG A 245 -21.46 -0.38 7.14
CA ARG A 245 -20.36 -0.14 6.17
C ARG A 245 -20.12 -1.29 5.21
N GLY A 246 -20.78 -2.43 5.40
CA GLY A 246 -20.64 -3.59 4.52
C GLY A 246 -20.12 -4.88 5.14
N LEU A 247 -20.00 -4.93 6.46
CA LEU A 247 -19.52 -6.13 7.16
C LEU A 247 -20.42 -7.30 6.86
N THR A 248 -19.84 -8.44 6.49
CA THR A 248 -20.61 -9.69 6.23
C THR A 248 -20.44 -10.78 7.28
N ALA A 249 -19.32 -10.77 8.00
CA ALA A 249 -19.11 -11.71 9.08
C ALA A 249 -18.45 -11.03 10.26
N ALA A 250 -18.69 -11.59 11.44
CA ALA A 250 -18.13 -11.05 12.67
C ALA A 250 -17.72 -12.21 13.57
N ILE A 251 -16.50 -12.14 14.10
CA ILE A 251 -16.02 -13.02 15.16
C ILE A 251 -16.43 -12.32 16.46
N VAL A 252 -17.35 -12.92 17.20
CA VAL A 252 -18.00 -12.29 18.36
C VAL A 252 -18.24 -13.33 19.46
N ASP A 253 -18.47 -12.86 20.67
CA ASP A 253 -19.14 -13.68 21.69
C ASP A 253 -20.64 -13.55 21.42
N ALA A 254 -21.21 -14.48 20.65
CA ALA A 254 -22.53 -14.31 20.02
C ALA A 254 -23.66 -14.01 21.01
N GLY A 255 -23.62 -14.67 22.16
CA GLY A 255 -24.59 -14.45 23.23
C GLY A 255 -24.49 -13.12 23.97
N LYS A 256 -23.41 -12.35 23.76
CA LYS A 256 -23.20 -11.09 24.47
C LYS A 256 -23.34 -9.85 23.55
N ILE A 257 -23.94 -10.03 22.38
CA ILE A 257 -24.21 -8.94 21.43
C ILE A 257 -25.58 -8.38 21.78
N LEU A 258 -25.63 -7.09 22.08
CA LEU A 258 -26.87 -6.39 22.40
C LEU A 258 -27.48 -5.79 21.13
N PRO A 259 -28.80 -5.96 20.95
CA PRO A 259 -29.48 -5.15 19.94
C PRO A 259 -29.35 -3.67 20.31
N ILE A 260 -29.10 -2.83 19.33
CA ILE A 260 -28.89 -1.41 19.55
C ILE A 260 -30.01 -0.77 20.38
N SER A 261 -31.25 -1.16 20.10
CA SER A 261 -32.41 -0.64 20.79
C SER A 261 -32.43 -1.00 22.28
N GLN A 262 -31.70 -2.02 22.69
CA GLN A 262 -31.60 -2.32 24.12
C GLN A 262 -30.53 -1.52 24.86
N ILE A 263 -29.73 -0.73 24.14
CA ILE A 263 -28.65 0.03 24.77
C ILE A 263 -29.24 1.38 25.19
N PRO A 264 -29.06 1.77 26.48
CA PRO A 264 -29.60 3.09 26.89
C PRO A 264 -28.95 4.18 26.06
N GLU A 265 -29.70 5.22 25.73
CA GLU A 265 -29.55 6.38 24.87
C GLU A 265 -28.16 7.03 25.09
N GLU A 266 -27.82 7.31 26.35
CA GLU A 266 -26.55 7.98 26.68
C GLU A 266 -25.36 7.06 26.41
N ALA A 267 -25.49 5.79 26.73
CA ALA A 267 -24.43 4.81 26.49
C ALA A 267 -24.19 4.65 25.00
N TYR A 268 -25.30 4.59 24.25
CA TYR A 268 -25.24 4.44 22.81
C TYR A 268 -24.52 5.63 22.20
N ALA A 269 -24.91 6.83 22.62
CA ALA A 269 -24.33 8.06 22.07
C ALA A 269 -22.83 8.19 22.42
N LEU A 270 -22.51 7.85 23.66
CA LEU A 270 -21.10 7.86 24.08
C LEU A 270 -20.28 6.83 23.31
N ALA A 271 -20.85 5.64 23.07
CA ALA A 271 -20.15 4.60 22.27
C ALA A 271 -19.80 5.12 20.87
N LEU A 272 -20.77 5.76 20.21
CA LEU A 272 -20.52 6.36 18.92
C LEU A 272 -19.44 7.44 19.00
N ASP A 273 -19.53 8.33 20.00
CA ASP A 273 -18.48 9.33 20.22
C ASP A 273 -17.08 8.72 20.37
N LEU A 274 -16.98 7.56 21.04
CA LEU A 274 -15.71 6.87 21.24
C LEU A 274 -15.21 6.22 19.95
N ILE A 275 -16.11 5.54 19.23
CA ILE A 275 -15.76 4.85 17.98
C ILE A 275 -15.27 5.84 16.94
N TYR A 276 -15.97 6.96 16.83
CA TYR A 276 -15.65 7.99 15.84
C TYR A 276 -14.71 9.07 16.37
N ASP A 277 -14.15 8.89 17.57
CA ASP A 277 -13.19 9.84 18.15
C ASP A 277 -13.68 11.29 18.09
N ARG A 278 -14.87 11.53 18.64
CA ARG A 278 -15.48 12.87 18.61
C ARG A 278 -15.07 13.67 19.83
N ARG A 279 -13.77 13.90 19.97
CA ARG A 279 -13.22 14.79 21.01
C ARG A 279 -13.59 16.25 20.71
N LYS A 280 -13.87 17.01 21.76
CA LYS A 280 -14.01 18.46 21.74
C LYS A 280 -13.26 18.97 22.96
N GLU A 281 -13.12 20.30 23.10
CA GLU A 281 -12.57 20.87 24.34
C GLU A 281 -13.47 20.51 25.52
N GLY A 282 -12.86 19.97 26.57
CA GLY A 282 -13.57 19.51 27.76
C GLY A 282 -14.37 18.22 27.61
N PHE A 283 -14.20 17.50 26.49
CA PHE A 283 -14.93 16.24 26.29
C PHE A 283 -13.99 15.17 25.71
N ASP A 284 -13.66 14.19 26.54
CA ASP A 284 -12.90 13.03 26.16
C ASP A 284 -13.91 11.86 26.11
N PRO A 285 -14.20 11.34 24.90
CA PRO A 285 -15.18 10.24 24.78
C PRO A 285 -14.85 8.97 25.59
N LEU A 286 -13.56 8.67 25.74
CA LEU A 286 -13.12 7.45 26.45
C LEU A 286 -13.46 7.54 27.93
N LEU A 287 -13.09 8.66 28.55
CA LEU A 287 -13.41 8.89 29.96
C LEU A 287 -14.90 8.97 30.19
N ALA A 288 -15.61 9.64 29.30
CA ALA A 288 -17.05 9.80 29.46
C ALA A 288 -17.77 8.43 29.37
N PHE A 289 -17.32 7.60 28.44
CA PHE A 289 -17.82 6.22 28.29
C PHE A 289 -17.56 5.41 29.54
N MET A 290 -16.32 5.43 30.04
CA MET A 290 -15.95 4.73 31.28
C MET A 290 -16.76 5.25 32.46
N ALA A 291 -16.91 6.58 32.53
CA ALA A 291 -17.68 7.25 33.60
C ALA A 291 -19.11 6.75 33.65
N TYR A 292 -19.72 6.62 32.48
CA TYR A 292 -21.10 6.14 32.39
C TYR A 292 -21.32 4.80 33.13
N PHE A 293 -20.43 3.84 32.92
CA PHE A 293 -20.57 2.50 33.51
C PHE A 293 -20.08 2.40 34.97
N GLU A 294 -19.41 3.43 35.44
CA GLU A 294 -19.12 3.58 36.85
C GLU A 294 -20.40 3.99 37.57
N ALA A 295 -21.22 4.84 36.94
CA ALA A 295 -22.43 5.39 37.54
C ALA A 295 -23.77 4.65 37.26
N HIS A 296 -23.76 3.53 36.53
CA HIS A 296 -25.03 2.91 36.08
C HIS A 296 -25.04 1.38 36.12
N SER B 15 26.63 1.85 -14.31
CA SER B 15 26.64 3.34 -14.05
C SER B 15 25.44 4.04 -14.69
N LEU B 16 25.24 5.30 -14.33
CA LEU B 16 23.96 5.99 -14.58
C LEU B 16 23.55 6.18 -16.04
N PHE B 17 22.35 5.71 -16.35
CA PHE B 17 21.67 5.99 -17.59
C PHE B 17 21.00 7.38 -17.48
N LEU B 18 21.60 8.38 -18.12
CA LEU B 18 21.08 9.75 -18.09
C LEU B 18 20.06 9.99 -19.21
N VAL B 19 18.86 10.43 -18.82
CA VAL B 19 17.77 10.72 -19.74
C VAL B 19 17.58 12.23 -19.77
N GLY B 20 17.82 12.85 -20.92
CA GLY B 20 17.67 14.30 -21.03
C GLY B 20 16.24 14.74 -20.82
N GLU B 21 16.05 15.81 -20.04
CA GLU B 21 14.71 16.24 -19.60
C GLU B 21 14.01 17.27 -20.50
N ARG B 22 14.76 17.87 -21.40
CA ARG B 22 14.35 19.16 -21.95
C ARG B 22 13.34 19.13 -23.10
N LEU B 23 13.12 17.99 -23.76
CA LEU B 23 12.06 17.90 -24.78
C LEU B 23 10.71 17.66 -24.11
N ASN B 24 10.31 18.65 -23.30
CA ASN B 24 9.18 18.56 -22.41
C ASN B 24 8.49 19.90 -22.40
N ALA B 25 7.24 19.95 -22.85
CA ALA B 25 6.56 21.23 -23.08
C ALA B 25 6.19 21.98 -21.80
N THR B 26 5.72 21.27 -20.79
CA THR B 26 5.51 21.88 -19.46
C THR B 26 6.82 22.12 -18.70
N GLY B 27 7.86 21.35 -19.05
CA GLY B 27 9.14 21.42 -18.37
C GLY B 27 10.09 22.46 -18.90
N SER B 28 9.96 22.86 -20.18
CA SER B 28 10.90 23.78 -20.81
C SER B 28 10.21 24.81 -21.69
N LYS B 29 10.45 26.09 -21.43
CA LYS B 29 9.88 27.18 -22.23
C LYS B 29 10.40 27.12 -23.66
N ARG B 30 11.71 26.98 -23.79
CA ARG B 30 12.37 26.89 -25.08
C ARG B 30 11.72 25.80 -25.96
N PHE B 31 11.47 24.61 -25.40
CA PHE B 31 10.85 23.54 -26.18
C PHE B 31 9.40 23.85 -26.53
N ARG B 32 8.62 24.26 -25.53
CA ARG B 32 7.20 24.58 -25.69
C ARG B 32 6.92 25.56 -26.82
N GLU B 33 7.75 26.61 -26.91
CA GLU B 33 7.56 27.64 -27.93
C GLU B 33 8.05 27.20 -29.30
N MET B 34 9.08 26.37 -29.35
CA MET B 34 9.47 25.72 -30.61
C MET B 34 8.35 24.79 -31.12
N LEU B 35 7.65 24.15 -30.19
CA LEU B 35 6.53 23.30 -30.54
C LEU B 35 5.36 24.15 -31.06
N PHE B 36 5.03 25.24 -30.37
CA PHE B 36 4.02 26.21 -30.84
C PHE B 36 4.35 26.77 -32.23
N ALA B 37 5.62 27.09 -32.45
CA ALA B 37 6.09 27.66 -33.72
C ALA B 37 6.37 26.63 -34.83
N ARG B 38 6.10 25.34 -34.61
CA ARG B 38 6.45 24.26 -35.58
C ARG B 38 7.95 24.31 -35.99
N ASP B 39 8.80 24.69 -35.05
CA ASP B 39 10.24 24.83 -35.30
C ASP B 39 10.96 23.48 -35.21
N LEU B 40 10.88 22.70 -36.29
CA LEU B 40 11.51 21.39 -36.34
C LEU B 40 13.01 21.42 -36.07
N GLU B 41 13.72 22.32 -36.73
CA GLU B 41 15.18 22.34 -36.70
C GLU B 41 15.74 22.76 -35.33
N GLY B 42 15.01 23.61 -34.61
CA GLY B 42 15.37 23.95 -33.24
C GLY B 42 15.10 22.81 -32.26
N ILE B 43 14.04 22.03 -32.50
CA ILE B 43 13.75 20.86 -31.66
C ILE B 43 14.82 19.81 -31.86
N LEU B 44 15.22 19.56 -33.10
CA LEU B 44 16.34 18.65 -33.39
C LEU B 44 17.66 19.15 -32.82
N ALA B 45 17.85 20.48 -32.80
CA ALA B 45 19.05 21.09 -32.20
C ALA B 45 19.11 20.88 -30.69
N LEU B 46 17.97 21.06 -30.02
CA LEU B 46 17.85 20.85 -28.57
C LEU B 46 18.09 19.37 -28.18
N ALA B 47 17.53 18.46 -28.97
CA ALA B 47 17.79 17.02 -28.83
C ALA B 47 19.28 16.69 -28.96
N ARG B 48 19.88 17.16 -30.04
CA ARG B 48 21.31 16.91 -30.33
C ARG B 48 22.20 17.52 -29.25
N GLU B 49 21.90 18.76 -28.86
CA GLU B 49 22.61 19.46 -27.76
C GLU B 49 22.66 18.63 -26.46
N GLN B 50 21.52 18.06 -26.06
CA GLN B 50 21.45 17.22 -24.85
C GLN B 50 22.31 15.95 -24.93
N VAL B 51 22.28 15.30 -26.09
CA VAL B 51 23.08 14.10 -26.33
C VAL B 51 24.56 14.45 -26.30
N GLU B 52 24.93 15.55 -26.94
CA GLU B 52 26.31 16.06 -26.85
C GLU B 52 26.73 16.32 -25.40
N GLU B 53 25.81 16.87 -24.60
CA GLU B 53 26.05 17.15 -23.18
C GLU B 53 26.01 15.91 -22.26
N GLY B 54 25.71 14.71 -22.80
CA GLY B 54 25.84 13.45 -22.04
C GLY B 54 24.61 12.55 -21.92
N ALA B 55 23.47 12.97 -22.48
CA ALA B 55 22.25 12.19 -22.40
C ALA B 55 22.40 10.91 -23.24
N HIS B 56 22.06 9.78 -22.65
CA HIS B 56 21.99 8.48 -23.35
C HIS B 56 20.59 8.16 -23.83
N ALA B 57 19.61 9.00 -23.47
CA ALA B 57 18.24 8.92 -23.96
C ALA B 57 17.57 10.28 -23.78
N LEU B 58 16.40 10.47 -24.39
CA LEU B 58 15.69 11.77 -24.32
C LEU B 58 14.27 11.56 -23.90
N ASP B 59 13.89 12.19 -22.80
CA ASP B 59 12.49 12.22 -22.38
C ASP B 59 11.73 13.15 -23.32
N LEU B 60 10.60 12.67 -23.82
CA LEU B 60 9.78 13.43 -24.78
C LEU B 60 8.35 13.54 -24.26
N SER B 61 7.95 14.74 -23.85
CA SER B 61 6.59 15.07 -23.44
C SER B 61 6.12 16.28 -24.22
N VAL B 62 5.27 16.04 -25.21
CA VAL B 62 4.68 17.10 -26.01
C VAL B 62 3.32 17.63 -25.49
N ALA B 63 2.75 16.96 -24.48
CA ALA B 63 1.42 17.31 -23.96
C ALA B 63 1.32 18.76 -23.50
N TRP B 64 0.25 19.40 -23.96
CA TRP B 64 0.00 20.78 -23.58
C TRP B 64 -1.47 21.04 -23.82
N THR B 65 -2.12 21.60 -22.80
CA THR B 65 -3.53 21.96 -22.85
C THR B 65 -3.86 22.72 -24.15
N GLY B 66 -4.76 22.16 -24.93
CA GLY B 66 -5.19 22.76 -26.18
C GLY B 66 -4.50 22.21 -27.40
N ARG B 67 -3.37 21.53 -27.22
CA ARG B 67 -2.67 20.90 -28.34
C ARG B 67 -3.14 19.46 -28.50
N ASP B 68 -2.96 18.91 -29.70
CA ASP B 68 -3.32 17.53 -29.96
C ASP B 68 -2.00 16.76 -29.89
N GLU B 69 -1.85 15.94 -28.86
CA GLU B 69 -0.61 15.20 -28.62
C GLU B 69 -0.28 14.27 -29.77
N LEU B 70 -1.26 13.50 -30.21
CA LEU B 70 -1.08 12.56 -31.30
C LEU B 70 -0.58 13.27 -32.59
N GLU B 71 -1.17 14.41 -32.94
CA GLU B 71 -0.75 15.21 -34.12
C GLU B 71 0.65 15.74 -33.99
N ASP B 72 1.00 16.21 -32.80
CA ASP B 72 2.36 16.71 -32.56
C ASP B 72 3.39 15.58 -32.73
N LEU B 73 3.03 14.38 -32.27
CA LEU B 73 3.90 13.22 -32.39
C LEU B 73 4.00 12.73 -33.86
N ARG B 74 2.88 12.67 -34.57
CA ARG B 74 2.89 12.36 -36.01
C ARG B 74 3.79 13.27 -36.84
N TRP B 75 3.81 14.54 -36.45
CA TRP B 75 4.68 15.51 -37.09
C TRP B 75 6.15 15.27 -36.72
N LEU B 76 6.40 15.12 -35.42
CA LEU B 76 7.75 15.18 -34.93
C LEU B 76 8.48 13.83 -35.07
N LEU B 77 7.78 12.73 -34.83
CA LEU B 77 8.42 11.43 -34.70
C LEU B 77 9.22 10.95 -35.94
N PRO B 78 8.65 11.09 -37.17
CA PRO B 78 9.41 10.66 -38.36
C PRO B 78 10.76 11.32 -38.48
N HIS B 79 10.81 12.60 -38.14
CA HIS B 79 12.07 13.35 -38.10
C HIS B 79 12.99 12.95 -36.94
N LEU B 80 12.43 12.63 -35.78
CA LEU B 80 13.21 12.10 -34.67
C LEU B 80 13.79 10.74 -35.04
N ALA B 81 13.01 9.87 -35.67
CA ALA B 81 13.48 8.55 -36.11
C ALA B 81 14.76 8.60 -36.94
N THR B 82 14.89 9.59 -37.84
CA THR B 82 16.05 9.66 -38.72
C THR B 82 17.20 10.46 -38.14
N ALA B 83 16.96 11.31 -37.15
CA ALA B 83 18.00 12.19 -36.56
C ALA B 83 18.59 11.69 -35.24
N LEU B 84 17.80 10.98 -34.44
CA LEU B 84 18.23 10.66 -33.07
C LEU B 84 19.15 9.47 -33.07
N THR B 85 20.24 9.61 -32.34
CA THR B 85 21.20 8.53 -32.15
C THR B 85 21.02 7.83 -30.79
N VAL B 86 19.95 8.14 -30.06
CA VAL B 86 19.68 7.55 -28.72
C VAL B 86 18.20 7.19 -28.58
N PRO B 87 17.87 6.33 -27.62
CA PRO B 87 16.45 6.01 -27.42
C PRO B 87 15.64 7.19 -26.86
N VAL B 88 14.34 7.14 -27.10
CA VAL B 88 13.41 8.14 -26.57
C VAL B 88 12.64 7.50 -25.42
N MET B 89 12.53 8.24 -24.32
CA MET B 89 11.59 7.88 -23.27
C MET B 89 10.31 8.66 -23.57
N VAL B 90 9.27 7.94 -23.98
CA VAL B 90 7.99 8.54 -24.34
C VAL B 90 7.30 8.86 -23.03
N ASP B 91 7.13 10.15 -22.76
CA ASP B 91 6.56 10.65 -21.50
C ASP B 91 5.15 11.18 -21.77
N SER B 92 4.14 10.39 -21.41
CA SER B 92 2.76 10.73 -21.68
C SER B 92 1.80 9.91 -20.84
N THR B 93 0.70 10.53 -20.47
CA THR B 93 -0.39 9.86 -19.75
C THR B 93 -1.35 9.14 -20.71
N SER B 94 -1.15 9.32 -22.02
CA SER B 94 -1.90 8.59 -23.04
C SER B 94 -1.21 7.32 -23.59
N PRO B 95 -1.80 6.13 -23.36
CA PRO B 95 -1.27 4.94 -24.03
C PRO B 95 -1.32 5.01 -25.58
N GLU B 96 -2.33 5.67 -26.16
CA GLU B 96 -2.37 5.88 -27.62
C GLU B 96 -1.14 6.62 -28.10
N ALA B 97 -0.76 7.69 -27.38
CA ALA B 97 0.48 8.41 -27.67
C ALA B 97 1.68 7.48 -27.56
N MET B 98 1.68 6.61 -26.54
CA MET B 98 2.75 5.61 -26.42
C MET B 98 2.77 4.60 -27.59
N GLU B 99 1.62 4.07 -27.96
CA GLU B 99 1.47 3.17 -29.14
C GLU B 99 1.97 3.81 -30.42
N LEU B 100 1.59 5.09 -30.61
CA LEU B 100 2.01 5.83 -31.78
C LEU B 100 3.52 5.95 -31.82
N ALA B 101 4.13 6.36 -30.72
CA ALA B 101 5.59 6.50 -30.67
C ALA B 101 6.30 5.20 -30.91
N LEU B 102 5.72 4.09 -30.46
CA LEU B 102 6.30 2.76 -30.69
C LEU B 102 6.33 2.37 -32.18
N LYS B 103 5.38 2.90 -32.96
CA LYS B 103 5.32 2.65 -34.40
C LYS B 103 6.44 3.35 -35.17
N TYR B 104 6.82 4.56 -34.76
CA TYR B 104 7.89 5.32 -35.43
C TYR B 104 9.30 5.13 -34.86
N LEU B 105 9.41 4.61 -33.63
CA LEU B 105 10.70 4.40 -32.99
C LEU B 105 10.86 2.96 -32.48
N PRO B 106 10.71 1.94 -33.35
CA PRO B 106 10.82 0.56 -32.81
C PRO B 106 12.20 0.24 -32.19
N GLY B 107 12.17 -0.48 -31.07
CA GLY B 107 13.36 -0.83 -30.29
C GLY B 107 14.18 0.31 -29.68
N ARG B 108 13.62 1.52 -29.65
CA ARG B 108 14.29 2.73 -29.15
C ARG B 108 13.38 3.51 -28.18
N VAL B 109 12.53 2.80 -27.44
CA VAL B 109 11.51 3.44 -26.61
C VAL B 109 11.54 2.92 -25.18
N LEU B 110 11.58 3.86 -24.23
CA LEU B 110 11.21 3.61 -22.83
C LEU B 110 9.85 4.29 -22.62
N LEU B 111 9.00 3.67 -21.81
CA LEU B 111 7.66 4.15 -21.56
C LEU B 111 7.60 4.77 -20.15
N ASN B 112 7.27 6.06 -20.13
CA ASN B 112 7.17 6.84 -18.91
C ASN B 112 5.75 7.37 -18.81
N SER B 113 4.82 6.73 -18.11
CA SER B 113 5.03 5.66 -17.15
C SER B 113 3.77 4.82 -17.02
N ALA B 114 3.90 3.69 -16.33
CA ALA B 114 2.74 2.96 -15.83
C ALA B 114 2.50 3.36 -14.37
N ASN B 115 1.25 3.69 -14.04
CA ASN B 115 0.84 3.90 -12.65
C ASN B 115 -0.60 3.53 -12.44
N LEU B 116 -1.02 3.54 -11.17
CA LEU B 116 -2.36 3.05 -10.79
C LEU B 116 -3.30 4.18 -10.34
N GLU B 117 -3.04 5.39 -10.80
CA GLU B 117 -3.82 6.56 -10.40
C GLU B 117 -5.32 6.33 -10.61
N ASP B 118 -5.69 5.75 -11.77
CA ASP B 118 -7.09 5.43 -12.08
C ASP B 118 -7.37 3.93 -12.13
N GLY B 119 -6.62 3.14 -11.36
CA GLY B 119 -6.82 1.71 -11.29
C GLY B 119 -6.04 0.94 -12.35
N LEU B 120 -6.42 -0.31 -12.53
CA LEU B 120 -5.66 -1.24 -13.36
C LEU B 120 -5.69 -0.98 -14.86
N GLU B 121 -6.75 -0.34 -15.35
CA GLU B 121 -7.02 -0.36 -16.79
C GLU B 121 -5.85 0.25 -17.55
N ARG B 122 -5.50 1.48 -17.20
CA ARG B 122 -4.43 2.18 -17.88
C ARG B 122 -3.06 1.54 -17.58
N PHE B 123 -2.86 1.20 -16.31
CA PHE B 123 -1.64 0.49 -15.87
C PHE B 123 -1.37 -0.74 -16.73
N ASP B 124 -2.37 -1.60 -16.86
CA ASP B 124 -2.23 -2.84 -17.64
C ASP B 124 -2.04 -2.58 -19.12
N ARG B 125 -2.72 -1.57 -19.65
CA ARG B 125 -2.57 -1.24 -21.05
C ARG B 125 -1.11 -0.78 -21.30
N VAL B 126 -0.54 0.02 -20.41
CA VAL B 126 0.84 0.44 -20.58
C VAL B 126 1.81 -0.71 -20.34
N ALA B 127 1.53 -1.53 -19.33
CA ALA B 127 2.39 -2.69 -19.05
C ALA B 127 2.41 -3.68 -20.23
N SER B 128 1.24 -3.97 -20.79
CA SER B 128 1.12 -4.81 -22.01
C SER B 128 1.94 -4.30 -23.21
N LEU B 129 1.90 -2.99 -23.43
CA LEU B 129 2.72 -2.38 -24.49
C LEU B 129 4.18 -2.64 -24.26
N ALA B 130 4.64 -2.41 -23.04
CA ALA B 130 6.05 -2.63 -22.72
C ALA B 130 6.45 -4.09 -22.95
N LYS B 131 5.58 -4.99 -22.53
CA LYS B 131 5.79 -6.41 -22.73
C LYS B 131 5.87 -6.76 -24.22
N ALA B 132 4.82 -6.45 -24.96
CA ALA B 132 4.73 -6.79 -26.40
C ALA B 132 5.84 -6.18 -27.26
N HIS B 133 6.33 -5.00 -26.89
CA HIS B 133 7.35 -4.31 -27.68
C HIS B 133 8.74 -4.35 -27.09
N GLY B 134 8.95 -5.10 -26.00
CA GLY B 134 10.26 -5.15 -25.36
C GLY B 134 10.78 -3.81 -24.87
N ALA B 135 9.88 -2.96 -24.38
CA ALA B 135 10.26 -1.62 -23.93
C ALA B 135 10.51 -1.63 -22.42
N ALA B 136 11.59 -0.96 -22.00
CA ALA B 136 11.78 -0.57 -20.61
C ALA B 136 10.57 0.24 -20.08
N LEU B 137 10.15 -0.04 -18.85
CA LEU B 137 8.92 0.56 -18.27
C LEU B 137 9.20 1.37 -17.01
N VAL B 138 8.84 2.65 -17.01
CA VAL B 138 8.90 3.46 -15.78
C VAL B 138 7.64 3.17 -14.97
N VAL B 139 7.84 2.87 -13.69
CA VAL B 139 6.75 2.46 -12.78
C VAL B 139 6.69 3.51 -11.68
N LEU B 140 5.67 4.35 -11.77
CA LEU B 140 5.59 5.54 -10.95
C LEU B 140 4.75 5.21 -9.70
N ALA B 141 5.26 5.54 -8.51
CA ALA B 141 4.60 5.18 -7.24
C ALA B 141 3.40 6.06 -6.89
N ILE B 142 2.37 6.01 -7.73
CA ILE B 142 1.12 6.72 -7.53
C ILE B 142 0.04 5.70 -7.78
N ASP B 143 -0.95 5.62 -6.89
CA ASP B 143 -2.02 4.65 -7.05
C ASP B 143 -3.37 5.28 -6.78
N GLU B 144 -4.40 4.47 -6.55
CA GLU B 144 -5.76 4.96 -6.36
C GLU B 144 -5.89 5.87 -5.14
N LYS B 145 -4.99 5.74 -4.15
CA LYS B 145 -5.00 6.61 -2.99
C LYS B 145 -4.04 7.79 -3.10
N GLY B 146 -3.32 7.89 -4.21
CA GLY B 146 -2.52 9.08 -4.48
C GLY B 146 -1.04 8.80 -4.48
N MET B 147 -0.27 9.86 -4.28
CA MET B 147 1.18 9.81 -4.43
C MET B 147 1.82 9.28 -3.17
N ALA B 148 2.76 8.36 -3.33
CA ALA B 148 3.47 7.80 -2.19
C ALA B 148 4.48 8.82 -1.74
N LYS B 149 4.28 9.37 -0.55
CA LYS B 149 5.16 10.40 0.02
C LYS B 149 6.11 9.90 1.12
N THR B 150 5.66 8.94 1.94
CA THR B 150 6.54 8.32 2.95
C THR B 150 7.23 7.08 2.40
N ARG B 151 8.32 6.67 3.03
CA ARG B 151 9.00 5.42 2.63
C ARG B 151 8.11 4.19 2.70
N GLU B 152 7.20 4.17 3.68
CA GLU B 152 6.27 3.07 3.89
C GLU B 152 5.27 3.03 2.73
N GLU B 153 4.74 4.19 2.34
CA GLU B 153 3.78 4.26 1.21
C GLU B 153 4.45 3.81 -0.10
N LYS B 154 5.68 4.29 -0.32
CA LYS B 154 6.44 3.95 -1.51
C LYS B 154 6.62 2.44 -1.62
N VAL B 155 7.00 1.80 -0.51
CA VAL B 155 7.25 0.35 -0.54
C VAL B 155 5.94 -0.40 -0.75
N ARG B 156 4.88 -0.01 -0.06
CA ARG B 156 3.57 -0.68 -0.24
C ARG B 156 2.99 -0.61 -1.67
N VAL B 157 3.20 0.52 -2.32
CA VAL B 157 2.74 0.76 -3.68
C VAL B 157 3.63 -0.01 -4.66
N ALA B 158 4.95 0.13 -4.49
CA ALA B 158 5.90 -0.51 -5.39
C ALA B 158 5.78 -2.03 -5.39
N LEU B 159 5.50 -2.62 -4.22
CA LEU B 159 5.42 -4.08 -4.12
C LEU B 159 4.23 -4.64 -4.88
N ARG B 160 3.10 -3.95 -4.78
CA ARG B 160 1.92 -4.32 -5.55
C ARG B 160 2.17 -4.21 -7.07
N MET B 161 2.75 -3.09 -7.49
CA MET B 161 3.01 -2.88 -8.90
C MET B 161 3.99 -3.92 -9.41
N TYR B 162 5.04 -4.19 -8.63
CA TYR B 162 6.02 -5.22 -8.96
C TYR B 162 5.37 -6.54 -9.21
N GLU B 163 4.44 -6.92 -8.35
CA GLU B 163 3.73 -8.17 -8.50
C GLU B 163 2.88 -8.23 -9.75
N ARG B 164 2.19 -7.14 -10.04
CA ARG B 164 1.29 -7.08 -11.20
C ARG B 164 2.14 -7.21 -12.47
N LEU B 165 3.26 -6.49 -12.51
CA LEU B 165 4.12 -6.45 -13.66
C LEU B 165 4.82 -7.77 -13.90
N THR B 166 5.38 -8.36 -12.84
CA THR B 166 6.14 -9.62 -13.00
C THR B 166 5.22 -10.82 -13.16
N GLU B 167 4.20 -10.90 -12.33
CA GLU B 167 3.36 -12.08 -12.27
C GLU B 167 2.22 -12.04 -13.26
N HIS B 168 1.58 -10.88 -13.45
CA HIS B 168 0.46 -10.84 -14.39
C HIS B 168 0.93 -10.53 -15.82
N HIS B 169 1.94 -9.67 -16.00
CA HIS B 169 2.41 -9.29 -17.34
C HIS B 169 3.65 -10.01 -17.82
N GLY B 170 4.30 -10.76 -16.93
CA GLY B 170 5.50 -11.51 -17.30
C GLY B 170 6.69 -10.66 -17.68
N LEU B 171 6.74 -9.40 -17.23
CA LEU B 171 7.90 -8.54 -17.45
C LEU B 171 9.01 -8.93 -16.52
N ARG B 172 10.25 -8.77 -16.97
CA ARG B 172 11.42 -9.16 -16.21
C ARG B 172 11.72 -7.99 -15.26
N PRO B 173 12.21 -8.30 -14.04
CA PRO B 173 12.57 -7.20 -13.13
C PRO B 173 13.50 -6.16 -13.77
N GLU B 174 14.38 -6.62 -14.63
CA GLU B 174 15.40 -5.78 -15.27
C GLU B 174 14.83 -4.81 -16.32
N ASP B 175 13.59 -5.03 -16.75
CA ASP B 175 12.87 -4.10 -17.64
C ASP B 175 12.15 -2.95 -16.91
N LEU B 176 12.21 -2.93 -15.57
CA LEU B 176 11.41 -1.98 -14.79
C LEU B 176 12.31 -0.91 -14.22
N LEU B 177 11.82 0.33 -14.29
CA LEU B 177 12.49 1.48 -13.68
C LEU B 177 11.48 2.07 -12.70
N PHE B 178 11.66 1.74 -11.42
CA PHE B 178 10.74 2.22 -10.40
C PHE B 178 11.01 3.68 -10.10
N ASP B 179 9.98 4.51 -10.20
CA ASP B 179 10.06 5.91 -9.88
C ASP B 179 9.30 6.17 -8.57
N LEU B 180 10.06 6.40 -7.52
CA LEU B 180 9.53 6.53 -6.17
C LEU B 180 9.18 7.98 -5.80
N LEU B 181 9.26 8.87 -6.80
CA LEU B 181 8.82 10.26 -6.77
C LEU B 181 9.87 11.20 -6.20
N THR B 182 10.06 12.33 -6.90
CA THR B 182 10.94 13.38 -6.47
C THR B 182 10.08 14.62 -6.27
N PHE B 183 10.01 15.09 -5.02
CA PHE B 183 9.23 16.27 -4.66
C PHE B 183 10.17 17.43 -4.36
N PRO B 184 9.68 18.67 -4.56
CA PRO B 184 10.49 19.82 -4.15
C PRO B 184 10.56 19.98 -2.63
N ILE B 185 11.79 20.12 -2.12
CA ILE B 185 12.07 20.33 -0.67
C ILE B 185 12.52 21.79 -0.39
N THR B 186 12.03 22.72 -1.19
CA THR B 186 12.58 24.08 -1.27
C THR B 186 11.54 25.16 -1.03
N GLN B 187 10.32 24.97 -1.54
CA GLN B 187 9.16 25.72 -1.05
C GLN B 187 9.11 25.47 0.46
N GLY B 188 9.11 26.56 1.23
CA GLY B 188 9.38 26.52 2.68
C GLY B 188 8.70 25.48 3.53
N ASP B 189 7.45 25.14 3.19
CA ASP B 189 6.55 24.29 4.01
C ASP B 189 7.18 23.05 4.67
N GLU B 190 6.56 22.63 5.77
CA GLU B 190 7.11 21.61 6.67
C GLU B 190 6.79 20.18 6.23
N GLU B 191 5.67 19.97 5.53
CA GLU B 191 5.33 18.64 4.99
C GLU B 191 6.31 18.17 3.90
N SER B 192 6.98 19.12 3.23
CA SER B 192 7.91 18.82 2.14
C SER B 192 9.31 18.48 2.58
N ARG B 193 9.66 18.86 3.79
CA ARG B 193 11.06 18.78 4.25
C ARG B 193 11.67 17.37 4.24
N PRO B 194 10.89 16.31 4.57
CA PRO B 194 11.49 14.95 4.53
C PRO B 194 11.37 14.19 3.20
N LEU B 195 10.73 14.77 2.18
CA LEU B 195 10.30 14.01 0.98
C LEU B 195 11.40 13.41 0.12
N ALA B 196 12.54 14.08 0.01
CA ALA B 196 13.70 13.48 -0.64
C ALA B 196 14.27 12.31 0.16
N LYS B 197 14.38 12.48 1.48
CA LYS B 197 14.91 11.43 2.35
C LYS B 197 14.06 10.15 2.26
N GLU B 198 12.75 10.34 2.27
CA GLU B 198 11.81 9.22 2.20
C GLU B 198 12.02 8.41 0.92
N THR B 199 12.26 9.11 -0.18
CA THR B 199 12.53 8.46 -1.45
C THR B 199 13.85 7.71 -1.40
N LEU B 200 14.88 8.34 -0.85
CA LEU B 200 16.19 7.69 -0.79
C LEU B 200 16.19 6.41 0.06
N LEU B 201 15.51 6.46 1.20
CA LEU B 201 15.40 5.26 2.07
C LEU B 201 14.51 4.20 1.50
N ALA B 202 13.38 4.58 0.88
CA ALA B 202 12.53 3.61 0.18
C ALA B 202 13.30 2.90 -0.95
N MET B 203 14.14 3.65 -1.65
CA MET B 203 14.94 3.10 -2.77
C MET B 203 15.91 2.01 -2.30
N GLU B 204 16.64 2.28 -1.23
CA GLU B 204 17.53 1.29 -0.60
C GLU B 204 16.79 0.02 -0.20
N GLU B 205 15.66 0.18 0.49
CA GLU B 205 14.86 -0.98 0.90
C GLU B 205 14.33 -1.76 -0.29
N LEU B 206 13.79 -1.06 -1.28
CA LEU B 206 13.28 -1.73 -2.49
C LEU B 206 14.37 -2.41 -3.29
N ARG B 207 15.59 -1.87 -3.26
CA ARG B 207 16.69 -2.58 -3.93
C ARG B 207 16.96 -3.95 -3.29
N GLU B 208 16.92 -4.00 -1.95
CA GLU B 208 17.09 -5.25 -1.21
C GLU B 208 15.89 -6.17 -1.42
N ARG B 209 14.67 -5.63 -1.34
CA ARG B 209 13.46 -6.45 -1.56
C ARG B 209 13.27 -6.95 -2.99
N LEU B 210 13.72 -6.17 -3.96
CA LEU B 210 13.42 -6.42 -5.38
C LEU B 210 14.71 -6.45 -6.19
N PRO B 211 15.54 -7.48 -5.99
CA PRO B 211 16.80 -7.53 -6.74
C PRO B 211 16.53 -7.53 -8.24
N GLY B 212 17.38 -6.82 -8.98
CA GLY B 212 17.29 -6.78 -10.44
C GLY B 212 16.46 -5.64 -11.02
N VAL B 213 15.56 -5.04 -10.23
CA VAL B 213 14.80 -3.89 -10.74
C VAL B 213 15.68 -2.67 -10.80
N GLY B 214 15.32 -1.75 -11.68
CA GLY B 214 15.97 -0.46 -11.76
C GLY B 214 15.15 0.61 -11.06
N PHE B 215 15.75 1.78 -10.97
CA PHE B 215 15.13 2.91 -10.32
C PHE B 215 15.44 4.16 -11.13
N VAL B 216 14.43 4.99 -11.34
CA VAL B 216 14.62 6.26 -12.04
C VAL B 216 14.03 7.39 -11.22
N LEU B 217 14.63 8.57 -11.35
CA LEU B 217 14.10 9.77 -10.72
C LEU B 217 14.16 10.97 -11.65
N GLY B 218 13.12 11.79 -11.58
CA GLY B 218 13.11 13.12 -12.17
C GLY B 218 13.78 14.06 -11.21
N VAL B 219 15.11 14.04 -11.27
CA VAL B 219 15.99 14.67 -10.28
C VAL B 219 15.75 16.18 -10.09
N SER B 220 15.55 16.90 -11.19
CA SER B 220 15.40 18.36 -11.16
C SER B 220 14.27 18.85 -10.25
N ASN B 221 13.27 18.01 -10.03
CA ASN B 221 12.12 18.36 -9.20
C ASN B 221 12.46 18.68 -7.72
N VAL B 222 13.57 18.15 -7.16
CA VAL B 222 13.95 18.45 -5.76
C VAL B 222 14.21 19.91 -5.49
N SER B 223 14.72 20.62 -6.51
CA SER B 223 15.21 21.98 -6.35
C SER B 223 14.30 23.07 -6.90
N PHE B 224 13.12 22.70 -7.40
CA PHE B 224 12.22 23.66 -8.02
C PHE B 224 11.86 24.81 -7.03
N GLY B 225 12.26 26.03 -7.38
CA GLY B 225 12.07 27.20 -6.53
C GLY B 225 13.34 28.00 -6.31
N LEU B 226 14.49 27.35 -6.35
CA LEU B 226 15.77 28.00 -6.09
C LEU B 226 16.43 28.65 -7.32
N LYS B 227 17.47 29.42 -7.05
CA LYS B 227 18.34 30.02 -8.08
C LYS B 227 19.01 28.91 -8.88
N PRO B 228 19.14 29.08 -10.22
CA PRO B 228 19.79 28.07 -11.09
C PRO B 228 21.12 27.48 -10.58
N ARG B 229 22.01 28.31 -10.04
CA ARG B 229 23.30 27.82 -9.51
C ARG B 229 23.11 26.92 -8.29
N ALA B 230 22.07 27.20 -7.50
CA ALA B 230 21.70 26.36 -6.34
C ALA B 230 21.06 25.03 -6.78
N ARG B 231 20.15 25.10 -7.75
CA ARG B 231 19.50 23.92 -8.31
C ARG B 231 20.53 22.92 -8.82
N ARG B 232 21.48 23.40 -9.62
CA ARG B 232 22.61 22.58 -10.09
C ARG B 232 23.28 21.79 -8.97
N VAL B 233 23.54 22.44 -7.84
CA VAL B 233 24.24 21.79 -6.72
C VAL B 233 23.32 20.74 -6.07
N LEU B 234 22.10 21.14 -5.73
CA LEU B 234 21.15 20.23 -5.05
C LEU B 234 20.74 19.01 -5.92
N ASN B 235 20.38 19.27 -7.17
CA ASN B 235 20.15 18.21 -8.18
C ASN B 235 21.31 17.22 -8.26
N SER B 236 22.52 17.74 -8.34
CA SER B 236 23.72 16.91 -8.43
C SER B 236 23.98 16.06 -7.19
N VAL B 237 23.77 16.63 -6.01
CA VAL B 237 24.04 15.92 -4.75
C VAL B 237 22.94 14.88 -4.52
N PHE B 238 21.68 15.25 -4.81
CA PHE B 238 20.55 14.31 -4.72
C PHE B 238 20.74 13.12 -5.66
N LEU B 239 21.16 13.40 -6.90
CA LEU B 239 21.47 12.35 -7.87
C LEU B 239 22.54 11.39 -7.34
N ASP B 240 23.65 11.95 -6.85
CA ASP B 240 24.73 11.13 -6.27
C ASP B 240 24.23 10.28 -5.10
N GLU B 241 23.45 10.90 -4.22
CA GLU B 241 22.84 10.19 -3.09
C GLU B 241 21.94 9.06 -3.55
N ALA B 242 21.05 9.33 -4.51
CA ALA B 242 20.17 8.27 -5.03
C ALA B 242 20.96 7.13 -5.68
N ARG B 243 22.04 7.48 -6.37
CA ARG B 243 22.94 6.48 -6.96
C ARG B 243 23.45 5.49 -5.89
N LYS B 244 23.82 5.99 -4.71
CA LYS B 244 24.27 5.11 -3.62
C LYS B 244 23.17 4.18 -3.14
N ARG B 245 21.92 4.62 -3.22
CA ARG B 245 20.78 3.81 -2.80
C ARG B 245 20.32 2.80 -3.86
N GLY B 246 20.91 2.85 -5.06
CA GLY B 246 20.57 1.94 -6.16
C GLY B 246 19.98 2.54 -7.43
N LEU B 247 20.03 3.87 -7.60
CA LEU B 247 19.50 4.51 -8.80
C LEU B 247 20.25 4.03 -10.05
N THR B 248 19.52 3.56 -11.07
CA THR B 248 20.11 3.17 -12.37
C THR B 248 19.85 4.18 -13.49
N ALA B 249 18.81 5.00 -13.38
CA ALA B 249 18.58 6.04 -14.41
C ALA B 249 18.12 7.32 -13.78
N ALA B 250 18.34 8.43 -14.47
CA ALA B 250 17.99 9.75 -13.97
C ALA B 250 17.51 10.61 -15.11
N ILE B 251 16.34 11.22 -14.96
CA ILE B 251 15.89 12.24 -15.88
C ILE B 251 16.45 13.56 -15.37
N VAL B 252 17.33 14.16 -16.17
CA VAL B 252 18.16 15.31 -15.77
C VAL B 252 18.36 16.31 -16.91
N ASP B 253 18.82 17.50 -16.56
CA ASP B 253 19.40 18.44 -17.51
C ASP B 253 20.85 18.00 -17.64
N ALA B 254 21.11 17.11 -18.60
CA ALA B 254 22.39 16.38 -18.74
C ALA B 254 23.67 17.21 -18.56
N GLY B 255 23.69 18.39 -19.17
CA GLY B 255 24.83 19.29 -19.08
C GLY B 255 24.94 20.16 -17.83
N LYS B 256 23.94 20.10 -16.95
CA LYS B 256 23.97 20.83 -15.68
C LYS B 256 24.16 19.92 -14.46
N ILE B 257 24.68 18.71 -14.65
CA ILE B 257 25.05 17.83 -13.55
C ILE B 257 26.52 18.09 -13.21
N LEU B 258 26.77 18.59 -12.01
CA LEU B 258 28.13 18.75 -11.49
C LEU B 258 28.60 17.42 -10.89
N PRO B 259 29.84 16.97 -11.19
CA PRO B 259 30.40 15.90 -10.37
C PRO B 259 30.68 16.39 -8.96
N ILE B 260 30.77 15.46 -8.01
CA ILE B 260 30.85 15.81 -6.59
C ILE B 260 32.13 16.58 -6.25
N SER B 261 33.24 16.18 -6.86
CA SER B 261 34.55 16.84 -6.67
C SER B 261 34.51 18.34 -6.96
N GLN B 262 33.75 18.76 -7.97
CA GLN B 262 33.64 20.18 -8.34
C GLN B 262 32.72 21.00 -7.46
N ILE B 263 31.99 20.37 -6.54
CA ILE B 263 31.12 21.10 -5.61
C ILE B 263 31.95 21.51 -4.38
N PRO B 264 31.95 22.82 -4.06
CA PRO B 264 32.63 23.27 -2.83
C PRO B 264 32.15 22.54 -1.58
N GLU B 265 33.08 22.19 -0.69
CA GLU B 265 32.79 21.32 0.47
C GLU B 265 31.72 21.85 1.42
N GLU B 266 31.58 23.18 1.52
CA GLU B 266 30.55 23.79 2.37
C GLU B 266 29.14 23.60 1.78
N ALA B 267 29.02 23.79 0.46
CA ALA B 267 27.75 23.67 -0.26
C ALA B 267 27.27 22.22 -0.36
N TYR B 268 28.23 21.31 -0.52
CA TYR B 268 27.98 19.86 -0.49
C TYR B 268 27.31 19.42 0.81
N ALA B 269 27.92 19.77 1.95
CA ALA B 269 27.41 19.40 3.27
C ALA B 269 26.06 20.05 3.58
N LEU B 270 25.88 21.29 3.13
CA LEU B 270 24.59 21.99 3.29
C LEU B 270 23.48 21.36 2.43
N ALA B 271 23.87 20.81 1.27
CA ALA B 271 22.95 20.08 0.39
C ALA B 271 22.49 18.81 1.08
N LEU B 272 23.43 18.06 1.65
CA LEU B 272 23.10 16.84 2.39
C LEU B 272 22.22 17.14 3.60
N ASP B 273 22.48 18.24 4.29
CA ASP B 273 21.64 18.66 5.43
C ASP B 273 20.19 18.97 4.99
N LEU B 274 20.04 19.58 3.81
CA LEU B 274 18.70 19.86 3.27
C LEU B 274 18.01 18.58 2.78
N ILE B 275 18.74 17.75 2.03
CA ILE B 275 18.21 16.47 1.52
C ILE B 275 17.68 15.56 2.63
N TYR B 276 18.51 15.34 3.64
CA TYR B 276 18.14 14.50 4.79
C TYR B 276 17.48 15.26 5.95
N ASP B 277 17.19 16.56 5.78
CA ASP B 277 16.35 17.34 6.72
C ASP B 277 16.90 17.34 8.15
N ARG B 278 18.19 17.62 8.28
CA ARG B 278 18.87 17.59 9.56
C ARG B 278 18.70 18.94 10.30
N ARG B 279 17.50 19.19 10.80
CA ARG B 279 17.18 20.41 11.54
C ARG B 279 17.73 20.34 12.98
N LYS B 280 18.31 21.45 13.42
CA LYS B 280 18.73 21.65 14.82
C LYS B 280 18.17 23.00 15.28
N GLU B 281 18.34 23.32 16.55
CA GLU B 281 17.86 24.60 17.09
C GLU B 281 18.68 25.74 16.47
N GLY B 282 17.99 26.75 15.94
CA GLY B 282 18.63 27.89 15.25
C GLY B 282 19.34 27.57 13.94
N PHE B 283 19.09 26.40 13.37
CA PHE B 283 19.74 25.93 12.13
C PHE B 283 18.68 25.35 11.18
N ASP B 284 18.28 26.15 10.18
CA ASP B 284 17.30 25.78 9.17
C ASP B 284 18.07 25.42 7.88
N PRO B 285 18.19 24.11 7.53
CA PRO B 285 19.06 23.75 6.40
C PRO B 285 18.65 24.30 5.04
N LEU B 286 17.37 24.64 4.87
CA LEU B 286 16.89 25.32 3.66
C LEU B 286 17.45 26.74 3.58
N LEU B 287 17.33 27.51 4.67
CA LEU B 287 17.82 28.90 4.70
C LEU B 287 19.35 28.95 4.64
N ALA B 288 20.02 28.03 5.33
CA ALA B 288 21.48 27.90 5.27
C ALA B 288 22.01 27.55 3.86
N PHE B 289 21.25 26.73 3.13
CA PHE B 289 21.58 26.40 1.72
C PHE B 289 21.40 27.63 0.82
N MET B 290 20.24 28.28 0.91
CA MET B 290 19.97 29.53 0.15
C MET B 290 20.94 30.67 0.50
N ALA B 291 21.40 30.70 1.75
CA ALA B 291 22.37 31.68 2.22
C ALA B 291 23.71 31.58 1.48
N TYR B 292 24.25 30.37 1.35
CA TYR B 292 25.55 30.13 0.71
C TYR B 292 25.69 30.74 -0.70
N PHE B 293 24.60 30.73 -1.47
CA PHE B 293 24.63 31.22 -2.88
C PHE B 293 24.43 32.73 -3.03
N GLU B 294 24.02 33.39 -1.94
CA GLU B 294 24.07 34.85 -1.89
C GLU B 294 25.49 35.36 -1.59
N ALA B 295 26.31 34.54 -0.91
CA ALA B 295 27.71 34.87 -0.62
C ALA B 295 28.68 34.37 -1.71
N HIS B 296 28.79 33.04 -1.85
CA HIS B 296 29.85 32.42 -2.67
C HIS B 296 29.41 32.20 -4.12
#